data_3BDU
#
_entry.id   3BDU
#
_cell.length_a   105.974
_cell.length_b   79.077
_cell.length_c   48.472
_cell.angle_alpha   90.00
_cell.angle_beta   96.295
_cell.angle_gamma   90.00
#
_symmetry.space_group_name_H-M   'C 1 2 1'
#
loop_
_entity.id
_entity.type
_entity.pdbx_description
1 polymer 'Putative lipoprotein'
2 water water
#
_entity_poly.entity_id   1
_entity_poly.type   'polypeptide(L)'
_entity_poly.pdbx_seq_one_letter_code
;(MSE)SSNYVLHTNDGRTIVAEGKPKVDDETG(MSE)ISYTDAYGQQQQINRDNVKE(MSE)AKGKLEHHHHHH
;
_entity_poly.pdbx_strand_id   A,B,C,D,E,F,G
#
# COMPACT_ATOMS: atom_id res chain seq x y z
N SER A 2 -23.66 -23.90 -7.55
CA SER A 2 -23.09 -22.54 -7.32
C SER A 2 -22.12 -22.14 -8.41
N SER A 3 -22.22 -20.89 -8.85
CA SER A 3 -21.35 -20.37 -9.90
C SER A 3 -19.87 -20.51 -9.58
N ASN A 4 -19.12 -21.07 -10.52
CA ASN A 4 -17.68 -21.27 -10.35
C ASN A 4 -16.92 -20.07 -10.89
N TYR A 5 -15.72 -19.88 -10.38
CA TYR A 5 -14.86 -18.79 -10.81
C TYR A 5 -13.48 -19.37 -11.10
N VAL A 6 -12.71 -18.68 -11.93
CA VAL A 6 -11.36 -19.09 -12.25
C VAL A 6 -10.44 -17.95 -11.89
N LEU A 7 -9.51 -18.18 -10.97
CA LEU A 7 -8.57 -17.15 -10.55
C LEU A 7 -7.25 -17.32 -11.32
N HIS A 8 -6.72 -16.21 -11.85
CA HIS A 8 -5.45 -16.23 -12.55
C HIS A 8 -4.46 -15.53 -11.64
N THR A 9 -3.40 -16.23 -11.25
CA THR A 9 -2.40 -15.69 -10.35
C THR A 9 -1.28 -14.99 -11.10
N ASN A 10 -0.50 -14.19 -10.38
CA ASN A 10 0.60 -13.50 -11.02
C ASN A 10 1.81 -14.41 -11.23
N ASP A 11 1.62 -15.70 -10.96
CA ASP A 11 2.70 -16.66 -11.18
C ASP A 11 2.31 -17.73 -12.18
N GLY A 12 1.41 -17.37 -13.10
CA GLY A 12 0.98 -18.28 -14.15
C GLY A 12 0.14 -19.49 -13.80
N ARG A 13 -0.69 -19.39 -12.75
CA ARG A 13 -1.55 -20.49 -12.37
C ARG A 13 -3.01 -20.08 -12.55
N THR A 14 -3.87 -21.07 -12.73
CA THR A 14 -5.31 -20.85 -12.86
C THR A 14 -5.90 -21.75 -11.80
N ILE A 15 -6.75 -21.19 -10.96
CA ILE A 15 -7.36 -21.94 -9.87
C ILE A 15 -8.87 -21.87 -9.99
N VAL A 16 -9.54 -23.03 -9.88
CA VAL A 16 -10.99 -23.07 -9.95
C VAL A 16 -11.55 -22.87 -8.55
N ALA A 17 -12.51 -21.96 -8.43
CA ALA A 17 -13.13 -21.69 -7.14
C ALA A 17 -14.63 -21.97 -7.24
N GLU A 18 -15.20 -22.53 -6.18
CA GLU A 18 -16.62 -22.82 -6.10
C GLU A 18 -17.20 -21.64 -5.32
N GLY A 19 -17.83 -20.71 -6.01
CA GLY A 19 -18.37 -19.55 -5.34
C GLY A 19 -17.39 -18.41 -5.52
N LYS A 20 -17.88 -17.16 -5.44
CA LYS A 20 -17.02 -16.00 -5.65
C LYS A 20 -15.99 -15.77 -4.56
N PRO A 21 -14.70 -15.71 -4.96
CA PRO A 21 -13.67 -15.47 -3.95
C PRO A 21 -13.90 -14.08 -3.40
N LYS A 22 -13.66 -13.89 -2.11
CA LYS A 22 -13.85 -12.58 -1.49
C LYS A 22 -12.77 -12.32 -0.45
N VAL A 23 -12.53 -11.04 -0.18
CA VAL A 23 -11.53 -10.68 0.81
C VAL A 23 -12.05 -11.07 2.19
N ASP A 24 -11.19 -11.71 2.97
CA ASP A 24 -11.50 -12.13 4.32
C ASP A 24 -10.92 -11.03 5.21
N ASP A 25 -11.79 -10.27 5.86
CA ASP A 25 -11.33 -9.18 6.70
C ASP A 25 -10.44 -9.62 7.87
N GLU A 26 -10.56 -10.88 8.28
CA GLU A 26 -9.75 -11.38 9.38
C GLU A 26 -8.29 -11.60 8.98
N THR A 27 -8.03 -11.75 7.68
CA THR A 27 -6.66 -12.00 7.21
C THR A 27 -6.16 -10.98 6.20
N GLY A 28 -7.09 -10.34 5.49
CA GLY A 28 -6.72 -9.37 4.48
C GLY A 28 -6.41 -10.02 3.14
N MSE A 29 -6.56 -11.34 3.08
CA MSE A 29 -6.29 -12.06 1.84
C MSE A 29 -7.59 -12.47 1.15
O MSE A 29 -8.67 -12.27 1.70
CB MSE A 29 -5.42 -13.28 2.16
CG MSE A 29 -4.10 -12.93 2.85
SE MSE A 29 -3.13 -14.53 3.36
CE MSE A 29 -4.07 -14.92 4.97
N ILE A 30 -7.50 -13.00 -0.06
CA ILE A 30 -8.69 -13.42 -0.79
C ILE A 30 -8.99 -14.86 -0.40
N SER A 31 -10.20 -15.09 0.10
CA SER A 31 -10.63 -16.41 0.56
C SER A 31 -11.57 -17.08 -0.44
N TYR A 32 -11.43 -18.39 -0.60
CA TYR A 32 -12.30 -19.14 -1.51
C TYR A 32 -12.28 -20.62 -1.19
N THR A 33 -13.12 -21.37 -1.89
CA THR A 33 -13.20 -22.82 -1.73
C THR A 33 -12.82 -23.40 -3.10
N ASP A 34 -11.88 -24.34 -3.13
CA ASP A 34 -11.46 -24.92 -4.39
C ASP A 34 -12.39 -26.05 -4.83
N ALA A 35 -12.11 -26.60 -6.00
CA ALA A 35 -12.93 -27.68 -6.58
C ALA A 35 -13.01 -28.92 -5.71
N TYR A 36 -12.16 -29.00 -4.69
CA TYR A 36 -12.15 -30.16 -3.81
C TYR A 36 -12.79 -29.89 -2.46
N GLY A 37 -13.44 -28.74 -2.34
CA GLY A 37 -14.09 -28.39 -1.09
C GLY A 37 -13.17 -27.87 -0.01
N GLN A 38 -11.91 -27.66 -0.35
CA GLN A 38 -10.96 -27.15 0.64
C GLN A 38 -10.94 -25.63 0.66
N GLN A 39 -10.96 -25.06 1.86
CA GLN A 39 -10.93 -23.62 2.03
C GLN A 39 -9.50 -23.13 1.86
N GLN A 40 -9.31 -22.17 0.98
CA GLN A 40 -8.00 -21.62 0.67
C GLN A 40 -8.01 -20.09 0.77
N GLN A 41 -6.82 -19.52 0.93
CA GLN A 41 -6.66 -18.07 0.99
C GLN A 41 -5.43 -17.77 0.14
N ILE A 42 -5.47 -16.66 -0.58
CA ILE A 42 -4.34 -16.28 -1.42
C ILE A 42 -4.11 -14.77 -1.32
N ASN A 43 -2.85 -14.38 -1.21
CA ASN A 43 -2.50 -12.95 -1.11
C ASN A 43 -3.11 -12.18 -2.30
N ARG A 44 -3.82 -11.08 -2.02
CA ARG A 44 -4.44 -10.27 -3.05
C ARG A 44 -3.45 -9.84 -4.12
N ASP A 45 -2.19 -9.66 -3.73
CA ASP A 45 -1.17 -9.25 -4.68
C ASP A 45 -0.81 -10.33 -5.70
N ASN A 46 -1.22 -11.57 -5.42
CA ASN A 46 -0.93 -12.67 -6.32
C ASN A 46 -2.13 -13.01 -7.20
N VAL A 47 -3.16 -12.18 -7.16
CA VAL A 47 -4.34 -12.41 -7.99
C VAL A 47 -4.42 -11.32 -9.05
N LYS A 48 -4.19 -11.73 -10.30
CA LYS A 48 -4.20 -10.81 -11.43
C LYS A 48 -5.60 -10.55 -11.96
N GLU A 49 -6.32 -11.62 -12.25
CA GLU A 49 -7.68 -11.51 -12.79
C GLU A 49 -8.54 -12.65 -12.29
N MSE A 50 -9.84 -12.51 -12.50
CA MSE A 50 -10.79 -13.52 -12.07
C MSE A 50 -11.95 -13.56 -13.06
O MSE A 50 -12.57 -12.54 -13.35
CB MSE A 50 -11.29 -13.16 -10.68
CG MSE A 50 -12.07 -14.24 -9.99
SE MSE A 50 -12.48 -13.65 -8.21
CE MSE A 50 -10.72 -13.83 -7.43
N ALA A 51 -12.24 -14.75 -13.57
CA ALA A 51 -13.33 -14.93 -14.54
C ALA A 51 -14.45 -15.78 -13.97
N LYS A 52 -15.69 -15.32 -14.17
CA LYS A 52 -16.85 -16.05 -13.69
C LYS A 52 -17.26 -17.09 -14.74
N GLY A 53 -17.17 -18.36 -14.37
CA GLY A 53 -17.52 -19.43 -15.28
C GLY A 53 -16.52 -20.57 -15.18
N LYS A 54 -16.54 -21.51 -16.13
CA LYS A 54 -15.63 -22.65 -16.12
C LYS A 54 -14.33 -22.38 -16.86
N SER B 2 2.55 33.54 3.04
CA SER B 2 2.64 32.29 3.86
C SER B 2 4.08 31.82 3.99
N SER B 3 4.36 31.12 5.09
CA SER B 3 5.71 30.59 5.30
C SER B 3 6.04 29.62 4.19
N ASN B 4 7.30 29.59 3.77
CA ASN B 4 7.70 28.68 2.72
C ASN B 4 8.10 27.33 3.29
N TYR B 5 7.96 26.31 2.46
CA TYR B 5 8.32 24.95 2.81
C TYR B 5 9.16 24.48 1.65
N VAL B 6 10.15 23.64 1.94
CA VAL B 6 11.02 23.13 0.89
C VAL B 6 10.83 21.63 0.79
N LEU B 7 10.34 21.17 -0.36
CA LEU B 7 10.14 19.75 -0.59
C LEU B 7 11.29 19.15 -1.38
N HIS B 8 11.65 17.92 -1.04
CA HIS B 8 12.71 17.20 -1.74
C HIS B 8 12.02 15.94 -2.25
N THR B 9 12.16 15.68 -3.56
CA THR B 9 11.54 14.51 -4.16
C THR B 9 12.48 13.32 -4.09
N ASN B 10 11.97 12.13 -4.41
CA ASN B 10 12.82 10.96 -4.38
C ASN B 10 13.77 10.96 -5.57
N ASP B 11 13.43 11.69 -6.64
CA ASP B 11 14.30 11.76 -7.79
C ASP B 11 15.30 12.90 -7.69
N GLY B 12 15.52 13.37 -6.45
CA GLY B 12 16.50 14.42 -6.19
C GLY B 12 16.23 15.88 -6.43
N ARG B 13 15.00 16.26 -6.75
CA ARG B 13 14.72 17.67 -6.99
C ARG B 13 14.26 18.38 -5.72
N THR B 14 14.39 19.71 -5.74
CA THR B 14 13.97 20.55 -4.62
C THR B 14 12.86 21.46 -5.15
N ILE B 15 11.77 21.56 -4.40
CA ILE B 15 10.64 22.39 -4.81
C ILE B 15 10.22 23.29 -3.65
N VAL B 16 10.09 24.58 -3.93
CA VAL B 16 9.68 25.54 -2.92
C VAL B 16 8.18 25.74 -2.94
N ALA B 17 7.56 25.62 -1.77
CA ALA B 17 6.12 25.82 -1.65
C ALA B 17 5.84 27.01 -0.75
N GLU B 18 4.76 27.72 -1.04
CA GLU B 18 4.34 28.86 -0.22
C GLU B 18 3.13 28.33 0.53
N GLY B 19 3.31 28.05 1.81
CA GLY B 19 2.22 27.50 2.59
C GLY B 19 2.55 26.02 2.73
N LYS B 20 1.97 25.38 3.73
CA LYS B 20 2.24 23.98 3.98
C LYS B 20 1.58 23.00 3.01
N PRO B 21 2.39 22.13 2.40
CA PRO B 21 1.80 21.15 1.47
C PRO B 21 1.02 20.14 2.31
N LYS B 22 -0.10 19.65 1.79
CA LYS B 22 -0.89 18.66 2.48
C LYS B 22 -1.63 17.81 1.47
N VAL B 23 -2.13 16.65 1.90
CA VAL B 23 -2.84 15.78 0.99
C VAL B 23 -4.19 16.36 0.64
N ASP B 24 -4.53 16.28 -0.65
CA ASP B 24 -5.80 16.76 -1.16
C ASP B 24 -6.69 15.52 -1.15
N ASP B 25 -7.73 15.51 -0.31
CA ASP B 25 -8.61 14.35 -0.24
C ASP B 25 -9.27 13.97 -1.57
N GLU B 26 -9.31 14.90 -2.52
CA GLU B 26 -9.93 14.60 -3.81
C GLU B 26 -9.01 13.89 -4.80
N THR B 27 -7.71 13.95 -4.57
CA THR B 27 -6.74 13.29 -5.44
C THR B 27 -5.89 12.25 -4.76
N GLY B 28 -5.67 12.44 -3.46
CA GLY B 28 -4.83 11.51 -2.72
C GLY B 28 -3.37 11.90 -2.88
N MSE B 29 -3.12 13.03 -3.54
CA MSE B 29 -1.75 13.49 -3.75
C MSE B 29 -1.42 14.69 -2.86
O MSE B 29 -2.32 15.32 -2.30
CB MSE B 29 -1.54 13.88 -5.21
CG MSE B 29 -1.93 12.79 -6.18
SE MSE B 29 -1.57 13.30 -8.02
CE MSE B 29 -3.17 14.28 -8.37
N ILE B 30 -0.13 14.98 -2.72
CA ILE B 30 0.30 16.11 -1.92
C ILE B 30 0.05 17.37 -2.74
N SER B 31 -0.78 18.26 -2.22
CA SER B 31 -1.14 19.50 -2.92
C SER B 31 -0.40 20.70 -2.33
N TYR B 32 0.01 21.61 -3.20
CA TYR B 32 0.70 22.82 -2.76
C TYR B 32 0.69 23.90 -3.83
N THR B 33 1.06 25.10 -3.43
CA THR B 33 1.14 26.23 -4.35
C THR B 33 2.61 26.55 -4.36
N ASP B 34 3.21 26.60 -5.55
CA ASP B 34 4.63 26.90 -5.63
C ASP B 34 4.90 28.37 -5.28
N ALA B 35 6.17 28.76 -5.29
CA ALA B 35 6.55 30.12 -4.95
C ALA B 35 6.06 31.14 -5.97
N TYR B 36 5.64 30.66 -7.13
CA TYR B 36 5.16 31.50 -8.22
C TYR B 36 3.65 31.52 -8.36
N GLY B 37 2.95 31.05 -7.33
CA GLY B 37 1.50 31.06 -7.34
C GLY B 37 0.76 29.99 -8.12
N GLN B 38 1.48 29.02 -8.68
CA GLN B 38 0.81 27.97 -9.44
C GLN B 38 0.44 26.80 -8.53
N GLN B 39 -0.80 26.34 -8.63
CA GLN B 39 -1.25 25.22 -7.83
C GLN B 39 -0.74 23.93 -8.44
N GLN B 40 -0.08 23.12 -7.64
CA GLN B 40 0.47 21.88 -8.11
C GLN B 40 0.23 20.74 -7.15
N GLN B 41 0.38 19.53 -7.64
CA GLN B 41 0.20 18.35 -6.82
C GLN B 41 1.29 17.35 -7.18
N ILE B 42 1.77 16.61 -6.19
CA ILE B 42 2.81 15.63 -6.43
C ILE B 42 2.45 14.34 -5.71
N ASN B 43 2.76 13.22 -6.34
CA ASN B 43 2.48 11.91 -5.79
C ASN B 43 3.29 11.76 -4.48
N ARG B 44 2.61 11.37 -3.41
CA ARG B 44 3.23 11.18 -2.10
C ARG B 44 4.45 10.27 -2.18
N ASP B 45 4.40 9.27 -3.06
CA ASP B 45 5.51 8.34 -3.18
C ASP B 45 6.76 9.00 -3.75
N ASN B 46 6.60 10.18 -4.36
CA ASN B 46 7.75 10.87 -4.90
C ASN B 46 8.26 11.97 -3.97
N VAL B 47 7.66 12.09 -2.79
CA VAL B 47 8.12 13.08 -1.85
C VAL B 47 8.95 12.41 -0.77
N LYS B 48 10.21 12.77 -0.72
CA LYS B 48 11.13 12.19 0.25
C LYS B 48 11.04 12.89 1.59
N GLU B 49 11.17 14.22 1.59
CA GLU B 49 11.12 14.98 2.83
C GLU B 49 10.68 16.40 2.59
N MSE B 50 10.44 17.12 3.69
CA MSE B 50 9.95 18.49 3.59
C MSE B 50 10.44 19.27 4.81
O MSE B 50 10.50 18.73 5.92
CB MSE B 50 8.44 18.43 3.53
CG MSE B 50 7.72 19.74 3.48
SE MSE B 50 5.84 19.36 3.33
CE MSE B 50 5.36 19.39 5.19
N ALA B 51 10.77 20.53 4.59
CA ALA B 51 11.25 21.37 5.68
C ALA B 51 10.57 22.73 5.67
N LYS B 52 10.26 23.23 6.86
CA LYS B 52 9.64 24.53 6.97
C LYS B 52 10.78 25.56 6.92
N GLY B 53 10.57 26.62 6.15
CA GLY B 53 11.59 27.65 6.02
C GLY B 53 12.10 27.78 4.60
N SER C 2 -25.39 0.65 -24.79
CA SER C 2 -24.68 0.56 -23.47
C SER C 2 -23.53 1.57 -23.43
N SER C 3 -22.95 1.73 -22.25
CA SER C 3 -21.81 2.63 -22.09
C SER C 3 -20.59 1.75 -22.31
N ASN C 4 -19.86 2.01 -23.40
CA ASN C 4 -18.70 1.20 -23.75
C ASN C 4 -17.37 1.78 -23.28
N TYR C 5 -16.60 0.95 -22.59
CA TYR C 5 -15.31 1.36 -22.07
C TYR C 5 -14.20 0.44 -22.54
N VAL C 6 -12.98 0.94 -22.43
CA VAL C 6 -11.79 0.19 -22.80
C VAL C 6 -10.80 0.32 -21.65
N LEU C 7 -10.31 -0.81 -21.15
CA LEU C 7 -9.33 -0.81 -20.08
C LEU C 7 -7.95 -1.13 -20.67
N HIS C 8 -6.93 -0.39 -20.23
CA HIS C 8 -5.57 -0.64 -20.69
C HIS C 8 -4.81 -1.20 -19.50
N THR C 9 -4.30 -2.42 -19.64
CA THR C 9 -3.61 -3.10 -18.55
C THR C 9 -2.09 -2.92 -18.52
N ASN C 10 -1.48 -3.43 -17.46
CA ASN C 10 -0.03 -3.36 -17.29
C ASN C 10 0.72 -4.08 -18.42
N ASP C 11 0.25 -5.28 -18.78
CA ASP C 11 0.91 -6.05 -19.83
C ASP C 11 0.61 -5.58 -21.25
N GLY C 12 -0.01 -4.40 -21.35
CA GLY C 12 -0.31 -3.85 -22.67
C GLY C 12 -1.62 -4.22 -23.32
N ARG C 13 -2.44 -5.04 -22.67
CA ARG C 13 -3.72 -5.41 -23.26
C ARG C 13 -4.68 -4.22 -23.34
N THR C 14 -5.67 -4.35 -24.20
CA THR C 14 -6.70 -3.35 -24.37
C THR C 14 -7.96 -4.20 -24.31
N ILE C 15 -8.72 -4.04 -23.23
CA ILE C 15 -9.90 -4.84 -22.99
C ILE C 15 -11.19 -4.04 -23.10
N VAL C 16 -12.14 -4.60 -23.85
CA VAL C 16 -13.43 -3.97 -24.04
C VAL C 16 -14.38 -4.36 -22.92
N ALA C 17 -15.07 -3.36 -22.36
CA ALA C 17 -16.02 -3.61 -21.29
C ALA C 17 -17.36 -3.01 -21.69
N GLU C 18 -18.44 -3.71 -21.40
CA GLU C 18 -19.79 -3.24 -21.69
C GLU C 18 -20.32 -2.75 -20.36
N GLY C 19 -20.34 -1.43 -20.20
CA GLY C 19 -20.78 -0.85 -18.95
C GLY C 19 -19.54 -0.34 -18.24
N LYS C 20 -19.70 0.65 -17.37
CA LYS C 20 -18.56 1.22 -16.66
C LYS C 20 -17.97 0.25 -15.63
N PRO C 21 -16.67 -0.04 -15.74
CA PRO C 21 -16.05 -0.96 -14.79
C PRO C 21 -16.03 -0.29 -13.41
N LYS C 22 -16.24 -1.06 -12.35
CA LYS C 22 -16.25 -0.51 -11.00
C LYS C 22 -15.70 -1.48 -9.98
N VAL C 23 -15.14 -0.97 -8.90
CA VAL C 23 -14.59 -1.83 -7.87
C VAL C 23 -15.71 -2.60 -7.18
N ASP C 24 -15.44 -3.88 -6.93
CA ASP C 24 -16.36 -4.77 -6.25
C ASP C 24 -15.83 -4.73 -4.82
N ASP C 25 -16.59 -4.14 -3.90
CA ASP C 25 -16.11 -4.04 -2.53
C ASP C 25 -15.86 -5.39 -1.85
N GLU C 26 -16.42 -6.47 -2.38
CA GLU C 26 -16.21 -7.78 -1.78
C GLU C 26 -14.83 -8.32 -2.12
N THR C 27 -14.32 -7.94 -3.29
CA THR C 27 -13.02 -8.40 -3.76
C THR C 27 -11.92 -7.35 -3.77
N GLY C 28 -12.30 -6.09 -3.89
CA GLY C 28 -11.32 -5.03 -3.93
C GLY C 28 -10.77 -4.87 -5.34
N MSE C 29 -11.30 -5.67 -6.26
CA MSE C 29 -10.86 -5.63 -7.66
C MSE C 29 -11.86 -4.93 -8.56
O MSE C 29 -13.03 -4.74 -8.19
CB MSE C 29 -10.64 -7.07 -8.15
CG MSE C 29 -9.60 -7.84 -7.35
SE MSE C 29 -9.47 -9.71 -7.89
CE MSE C 29 -8.70 -9.47 -9.64
N ILE C 30 -11.42 -4.53 -9.74
CA ILE C 30 -12.31 -3.86 -10.68
C ILE C 30 -13.12 -4.89 -11.43
N SER C 31 -14.45 -4.76 -11.33
CA SER C 31 -15.39 -5.67 -11.98
C SER C 31 -15.95 -5.08 -13.27
N TYR C 32 -16.06 -5.92 -14.29
CA TYR C 32 -16.61 -5.47 -15.57
C TYR C 32 -17.14 -6.66 -16.38
N THR C 33 -17.93 -6.37 -17.40
CA THR C 33 -18.48 -7.39 -18.28
C THR C 33 -17.77 -7.23 -19.61
N ASP C 34 -17.17 -8.31 -20.12
CA ASP C 34 -16.44 -8.21 -21.37
C ASP C 34 -17.34 -8.21 -22.60
N ALA C 35 -16.71 -8.11 -23.77
CA ALA C 35 -17.41 -8.07 -25.04
C ALA C 35 -18.17 -9.35 -25.37
N TYR C 36 -18.06 -10.34 -24.50
CA TYR C 36 -18.74 -11.61 -24.71
C TYR C 36 -19.77 -11.87 -23.63
N GLY C 37 -20.05 -10.85 -22.82
CA GLY C 37 -21.02 -10.99 -21.77
C GLY C 37 -20.57 -11.69 -20.51
N GLN C 38 -19.29 -12.08 -20.44
CA GLN C 38 -18.80 -12.76 -19.24
C GLN C 38 -18.33 -11.77 -18.18
N GLN C 39 -18.68 -12.05 -16.93
CA GLN C 39 -18.28 -11.17 -15.83
C GLN C 39 -16.83 -11.43 -15.46
N GLN C 40 -16.03 -10.37 -15.53
CA GLN C 40 -14.61 -10.42 -15.25
C GLN C 40 -14.23 -9.48 -14.13
N GLN C 41 -13.09 -9.75 -13.50
CA GLN C 41 -12.56 -8.90 -12.45
C GLN C 41 -11.05 -8.85 -12.64
N ILE C 42 -10.48 -7.67 -12.46
CA ILE C 42 -9.04 -7.50 -12.63
C ILE C 42 -8.47 -6.68 -11.47
N ASN C 43 -7.28 -7.07 -11.03
CA ASN C 43 -6.61 -6.38 -9.94
C ASN C 43 -6.40 -4.91 -10.31
N ARG C 44 -6.76 -4.00 -9.40
CA ARG C 44 -6.61 -2.56 -9.65
C ARG C 44 -5.18 -2.22 -10.07
N ASP C 45 -4.22 -2.89 -9.45
CA ASP C 45 -2.81 -2.64 -9.75
C ASP C 45 -2.41 -3.05 -11.16
N ASN C 46 -3.26 -3.82 -11.83
CA ASN C 46 -2.96 -4.26 -13.19
C ASN C 46 -3.62 -3.37 -14.24
N VAL C 47 -4.37 -2.36 -13.79
CA VAL C 47 -5.02 -1.45 -14.72
C VAL C 47 -4.33 -0.09 -14.76
N LYS C 48 -3.83 0.26 -15.93
CA LYS C 48 -3.11 1.51 -16.14
C LYS C 48 -4.05 2.68 -16.39
N GLU C 49 -4.92 2.54 -17.37
CA GLU C 49 -5.84 3.60 -17.72
C GLU C 49 -7.16 2.99 -18.16
N MSE C 50 -8.17 3.85 -18.29
CA MSE C 50 -9.50 3.44 -18.71
C MSE C 50 -10.11 4.57 -19.49
O MSE C 50 -9.89 5.74 -19.17
CB MSE C 50 -10.36 3.14 -17.49
CG MSE C 50 -11.71 2.57 -17.81
SE MSE C 50 -12.66 2.13 -16.20
CE MSE C 50 -11.47 0.74 -15.54
N ALA C 51 -10.89 4.24 -20.51
CA ALA C 51 -11.51 5.27 -21.32
C ALA C 51 -12.85 4.81 -21.86
N LYS C 52 -13.73 5.79 -22.08
CA LYS C 52 -15.04 5.52 -22.62
C LYS C 52 -14.81 5.55 -24.13
N GLY C 53 -15.22 4.49 -24.82
CA GLY C 53 -15.05 4.45 -26.26
C GLY C 53 -14.76 3.06 -26.80
N SER D 2 11.55 14.73 27.12
CA SER D 2 12.62 15.70 26.76
C SER D 2 13.82 14.96 26.15
N SER D 3 13.66 13.66 25.94
CA SER D 3 14.74 12.86 25.37
C SER D 3 14.77 13.02 23.85
N ASN D 4 15.96 12.86 23.28
CA ASN D 4 16.10 12.99 21.83
C ASN D 4 15.92 11.63 21.17
N TYR D 5 15.65 11.66 19.87
CA TYR D 5 15.47 10.45 19.09
C TYR D 5 16.40 10.49 17.89
N VAL D 6 16.79 9.32 17.41
CA VAL D 6 17.66 9.23 16.25
C VAL D 6 16.95 8.46 15.16
N LEU D 7 16.79 9.07 14.00
CA LEU D 7 16.14 8.40 12.87
C LEU D 7 17.17 7.92 11.87
N HIS D 8 17.07 6.64 11.47
CA HIS D 8 17.97 6.09 10.48
C HIS D 8 17.19 5.98 9.19
N THR D 9 17.64 6.69 8.16
CA THR D 9 16.95 6.71 6.88
C THR D 9 17.53 5.72 5.89
N ASN D 10 16.77 5.49 4.81
CA ASN D 10 17.19 4.56 3.77
C ASN D 10 18.55 4.94 3.18
N ASP D 11 18.82 6.24 3.06
CA ASP D 11 20.09 6.66 2.48
C ASP D 11 21.22 6.80 3.49
N GLY D 12 21.13 6.05 4.58
CA GLY D 12 22.17 6.04 5.59
C GLY D 12 22.35 7.25 6.49
N ARG D 13 21.35 8.12 6.54
CA ARG D 13 21.45 9.28 7.40
C ARG D 13 21.00 8.96 8.82
N THR D 14 21.65 9.61 9.78
CA THR D 14 21.34 9.46 11.19
C THR D 14 20.91 10.85 11.63
N ILE D 15 19.60 11.06 11.70
CA ILE D 15 19.04 12.35 12.07
C ILE D 15 18.55 12.46 13.51
N VAL D 16 19.03 13.50 14.20
CA VAL D 16 18.65 13.73 15.58
C VAL D 16 17.35 14.51 15.64
N ALA D 17 16.39 14.01 16.41
CA ALA D 17 15.12 14.68 16.56
C ALA D 17 15.01 15.14 18.00
N GLU D 18 14.58 16.38 18.19
CA GLU D 18 14.39 16.92 19.52
C GLU D 18 12.95 16.61 19.86
N GLY D 19 12.73 15.41 20.39
CA GLY D 19 11.37 15.01 20.72
C GLY D 19 10.99 13.82 19.86
N LYS D 20 9.94 13.11 20.28
CA LYS D 20 9.50 11.93 19.54
C LYS D 20 8.83 12.28 18.22
N PRO D 21 9.33 11.73 17.10
CA PRO D 21 8.71 12.03 15.80
C PRO D 21 7.31 11.43 15.76
N LYS D 22 6.38 12.08 15.05
CA LYS D 22 5.01 11.58 14.95
C LYS D 22 4.41 11.88 13.59
N VAL D 23 3.52 11.01 13.15
CA VAL D 23 2.87 11.20 11.86
C VAL D 23 1.99 12.44 11.91
N ASP D 24 2.00 13.19 10.82
CA ASP D 24 1.21 14.41 10.65
C ASP D 24 0.05 13.98 9.76
N ASP D 25 -1.17 13.98 10.31
CA ASP D 25 -2.32 13.54 9.53
C ASP D 25 -2.57 14.33 8.25
N GLU D 26 -2.12 15.58 8.20
CA GLU D 26 -2.32 16.40 7.00
C GLU D 26 -1.43 15.97 5.83
N THR D 27 -0.29 15.36 6.14
CA THR D 27 0.64 14.94 5.08
C THR D 27 0.88 13.44 5.00
N GLY D 28 0.67 12.73 6.11
CA GLY D 28 0.90 11.30 6.10
C GLY D 28 2.37 10.98 6.33
N MSE D 29 3.18 12.01 6.54
CA MSE D 29 4.61 11.80 6.77
C MSE D 29 4.97 11.92 8.25
O MSE D 29 4.15 12.35 9.06
CB MSE D 29 5.45 12.79 5.95
CG MSE D 29 5.29 12.61 4.44
SE MSE D 29 6.41 13.82 3.41
CE MSE D 29 5.21 15.30 3.33
N ILE D 30 6.19 11.53 8.57
CA ILE D 30 6.70 11.59 9.93
C ILE D 30 7.22 12.99 10.22
N SER D 31 6.60 13.65 11.19
CA SER D 31 6.96 15.00 11.57
C SER D 31 7.91 15.04 12.76
N TYR D 32 8.86 15.98 12.73
CA TYR D 32 9.82 16.13 13.81
C TYR D 32 10.55 17.47 13.74
N THR D 33 11.26 17.79 14.80
CA THR D 33 12.02 19.02 14.86
C THR D 33 13.47 18.60 15.00
N ASP D 34 14.34 19.12 14.14
CA ASP D 34 15.76 18.76 14.20
C ASP D 34 16.51 19.54 15.28
N ALA D 35 17.80 19.26 15.39
CA ALA D 35 18.66 19.89 16.37
C ALA D 35 18.79 21.41 16.21
N TYR D 36 18.40 21.92 15.04
CA TYR D 36 18.47 23.36 14.79
C TYR D 36 17.11 24.02 14.99
N GLY D 37 16.15 23.28 15.55
CA GLY D 37 14.82 23.83 15.80
C GLY D 37 13.91 23.91 14.58
N GLN D 38 14.39 23.43 13.43
CA GLN D 38 13.61 23.46 12.21
C GLN D 38 12.62 22.28 12.10
N GLN D 39 11.38 22.59 11.76
CA GLN D 39 10.32 21.60 11.60
C GLN D 39 10.55 20.83 10.31
N GLN D 40 10.70 19.52 10.43
CA GLN D 40 10.97 18.64 9.29
C GLN D 40 9.90 17.56 9.16
N GLN D 41 9.80 16.99 7.96
CA GLN D 41 8.89 15.89 7.71
C GLN D 41 9.59 14.96 6.75
N ILE D 42 9.42 13.66 6.97
CA ILE D 42 10.04 12.66 6.13
C ILE D 42 9.06 11.51 5.90
N ASN D 43 9.04 11.05 4.65
CA ASN D 43 8.20 9.95 4.20
C ASN D 43 8.47 8.71 5.05
N ARG D 44 7.41 8.09 5.57
CA ARG D 44 7.56 6.89 6.39
C ARG D 44 8.39 5.83 5.66
N ASP D 45 8.18 5.73 4.35
CA ASP D 45 8.90 4.75 3.55
C ASP D 45 10.41 4.98 3.54
N ASN D 46 10.84 6.18 3.91
CA ASN D 46 12.27 6.50 3.92
C ASN D 46 12.94 6.35 5.28
N VAL D 47 12.18 5.91 6.27
CA VAL D 47 12.72 5.70 7.62
C VAL D 47 12.86 4.21 7.89
N LYS D 48 14.07 3.77 8.18
CA LYS D 48 14.34 2.36 8.46
C LYS D 48 14.08 2.03 9.93
N GLU D 49 14.65 2.84 10.79
CA GLU D 49 14.53 2.63 12.23
C GLU D 49 14.59 3.94 12.99
N MSE D 50 14.26 3.86 14.27
CA MSE D 50 14.28 5.02 15.13
C MSE D 50 14.69 4.57 16.53
O MSE D 50 14.23 3.51 16.99
CB MSE D 50 12.90 5.67 15.18
CG MSE D 50 12.85 6.92 16.00
SE MSE D 50 11.07 7.62 16.05
CE MSE D 50 10.90 8.10 14.18
N ALA D 51 15.53 5.34 17.20
CA ALA D 51 15.98 4.96 18.54
C ALA D 51 15.89 6.12 19.53
N LYS D 52 15.48 5.82 20.75
CA LYS D 52 15.35 6.83 21.80
C LYS D 52 16.67 6.91 22.56
N GLY D 53 17.25 8.11 22.64
CA GLY D 53 18.51 8.28 23.35
C GLY D 53 19.46 9.23 22.65
N SER E 2 -9.00 -26.86 17.20
CA SER E 2 -9.37 -26.37 15.84
C SER E 2 -8.43 -26.95 14.79
N SER E 3 -8.95 -27.12 13.58
CA SER E 3 -8.17 -27.67 12.47
C SER E 3 -6.94 -26.82 12.15
N ASN E 4 -5.83 -27.50 11.85
CA ASN E 4 -4.58 -26.83 11.51
C ASN E 4 -4.69 -26.16 10.16
N TYR E 5 -3.86 -25.14 9.94
CA TYR E 5 -3.83 -24.45 8.66
C TYR E 5 -2.40 -24.56 8.18
N VAL E 6 -2.20 -24.47 6.88
CA VAL E 6 -0.85 -24.55 6.33
C VAL E 6 -0.61 -23.27 5.57
N LEU E 7 0.45 -22.56 5.93
CA LEU E 7 0.78 -21.31 5.24
C LEU E 7 2.02 -21.52 4.37
N HIS E 8 2.05 -20.83 3.24
CA HIS E 8 3.19 -20.89 2.35
C HIS E 8 3.68 -19.46 2.27
N THR E 9 4.97 -19.25 2.54
CA THR E 9 5.55 -17.91 2.54
C THR E 9 6.25 -17.64 1.21
N ASN E 10 6.60 -16.39 0.98
CA ASN E 10 7.29 -16.04 -0.25
C ASN E 10 8.73 -16.53 -0.17
N ASP E 11 9.14 -16.91 1.03
CA ASP E 11 10.48 -17.43 1.29
C ASP E 11 10.55 -18.91 0.92
N GLY E 12 9.42 -19.47 0.53
CA GLY E 12 9.37 -20.87 0.13
C GLY E 12 9.07 -21.84 1.27
N ARG E 13 8.80 -21.31 2.44
CA ARG E 13 8.51 -22.15 3.59
C ARG E 13 7.05 -22.56 3.67
N THR E 14 6.84 -23.71 4.28
CA THR E 14 5.51 -24.25 4.51
C THR E 14 5.45 -24.25 6.03
N ILE E 15 4.46 -23.58 6.59
CA ILE E 15 4.33 -23.49 8.03
C ILE E 15 2.97 -23.99 8.50
N VAL E 16 2.95 -24.81 9.55
CA VAL E 16 1.70 -25.33 10.07
C VAL E 16 1.26 -24.55 11.33
N ALA E 17 0.03 -24.05 11.29
CA ALA E 17 -0.54 -23.30 12.42
C ALA E 17 -1.64 -24.17 13.05
N GLU E 18 -1.81 -24.05 14.36
CA GLU E 18 -2.82 -24.82 15.08
C GLU E 18 -4.24 -24.37 14.79
N GLY E 19 -4.41 -23.09 14.52
CA GLY E 19 -5.74 -22.58 14.22
C GLY E 19 -5.66 -21.64 13.05
N LYS E 20 -6.77 -20.98 12.73
CA LYS E 20 -6.77 -20.06 11.60
C LYS E 20 -5.93 -18.83 11.90
N PRO E 21 -4.89 -18.56 11.07
CA PRO E 21 -4.07 -17.38 11.32
C PRO E 21 -4.93 -16.13 11.06
N LYS E 22 -4.79 -15.13 11.91
CA LYS E 22 -5.56 -13.88 11.79
C LYS E 22 -4.71 -12.66 12.08
N VAL E 23 -5.01 -11.53 11.44
CA VAL E 23 -4.25 -10.33 11.68
C VAL E 23 -4.44 -9.89 13.13
N ASP E 24 -3.32 -9.53 13.76
CA ASP E 24 -3.32 -9.06 15.15
C ASP E 24 -3.42 -7.53 15.02
N ASP E 25 -4.49 -6.95 15.53
CA ASP E 25 -4.67 -5.51 15.42
C ASP E 25 -3.55 -4.66 16.01
N GLU E 26 -2.82 -5.15 17.00
CA GLU E 26 -1.77 -4.30 17.55
C GLU E 26 -0.42 -4.44 16.84
N THR E 27 -0.32 -5.33 15.85
CA THR E 27 0.94 -5.49 15.11
C THR E 27 0.75 -5.29 13.61
N GLY E 28 -0.44 -5.55 13.11
CA GLY E 28 -0.70 -5.42 11.69
C GLY E 28 -0.21 -6.66 10.97
N MSE E 29 0.34 -7.62 11.71
CA MSE E 29 0.85 -8.84 11.09
C MSE E 29 -0.08 -10.02 11.31
O MSE E 29 -1.01 -9.95 12.12
CB MSE E 29 2.24 -9.15 11.66
CG MSE E 29 3.27 -8.06 11.36
SE MSE E 29 4.90 -8.32 12.38
CE MSE E 29 5.57 -9.88 11.45
N ILE E 30 0.14 -11.11 10.57
CA ILE E 30 -0.69 -12.30 10.72
C ILE E 30 -0.16 -13.10 11.91
N SER E 31 -1.02 -13.30 12.90
CA SER E 31 -0.67 -14.01 14.12
C SER E 31 -1.22 -15.42 14.15
N TYR E 32 -0.41 -16.35 14.66
CA TYR E 32 -0.81 -17.76 14.77
C TYR E 32 0.09 -18.46 15.77
N THR E 33 -0.21 -19.72 16.03
CA THR E 33 0.59 -20.53 16.95
C THR E 33 1.03 -21.75 16.15
N ASP E 34 2.33 -22.04 16.12
CA ASP E 34 2.82 -23.17 15.34
C ASP E 34 2.57 -24.53 15.98
N ALA E 35 2.93 -25.58 15.26
CA ALA E 35 2.74 -26.95 15.71
C ALA E 35 3.44 -27.25 17.04
N TYR E 36 4.51 -26.50 17.31
CA TYR E 36 5.28 -26.67 18.53
C TYR E 36 4.71 -25.86 19.69
N GLY E 37 3.66 -25.09 19.42
CA GLY E 37 3.04 -24.29 20.47
C GLY E 37 3.60 -22.90 20.64
N GLN E 38 4.56 -22.51 19.81
CA GLN E 38 5.16 -21.18 19.91
C GLN E 38 4.30 -20.15 19.17
N GLN E 39 4.02 -19.03 19.81
CA GLN E 39 3.22 -17.99 19.19
C GLN E 39 4.10 -17.20 18.22
N GLN E 40 3.67 -17.11 16.96
CA GLN E 40 4.43 -16.40 15.94
C GLN E 40 3.57 -15.39 15.19
N GLN E 41 4.24 -14.50 14.46
CA GLN E 41 3.56 -13.50 13.65
C GLN E 41 4.35 -13.38 12.36
N ILE E 42 3.66 -13.18 11.25
CA ILE E 42 4.35 -13.03 9.99
C ILE E 42 3.73 -11.89 9.19
N ASN E 43 4.57 -11.13 8.50
CA ASN E 43 4.12 -10.01 7.69
C ASN E 43 3.23 -10.55 6.57
N ARG E 44 2.06 -9.95 6.38
CA ARG E 44 1.18 -10.43 5.33
C ARG E 44 1.88 -10.38 3.98
N ASP E 45 2.84 -9.47 3.82
CA ASP E 45 3.54 -9.38 2.54
C ASP E 45 4.45 -10.59 2.32
N ASN E 46 4.65 -11.39 3.35
CA ASN E 46 5.49 -12.58 3.22
C ASN E 46 4.65 -13.85 3.09
N VAL E 47 3.32 -13.69 3.10
CA VAL E 47 2.44 -14.85 2.97
C VAL E 47 1.87 -14.91 1.56
N LYS E 48 2.11 -16.03 0.87
CA LYS E 48 1.63 -16.21 -0.49
C LYS E 48 0.22 -16.79 -0.49
N GLU E 49 0.01 -17.79 0.36
CA GLU E 49 -1.29 -18.42 0.47
C GLU E 49 -1.35 -19.33 1.67
N MSE E 50 -2.54 -19.78 2.02
CA MSE E 50 -2.69 -20.71 3.11
C MSE E 50 -3.92 -21.52 2.83
O MSE E 50 -4.72 -21.18 1.95
CB MSE E 50 -2.79 -20.00 4.47
CG MSE E 50 -3.90 -19.00 4.64
SE MSE E 50 -3.82 -18.25 6.45
CE MSE E 50 -5.69 -18.36 6.89
N ALA E 51 -4.06 -22.63 3.53
CA ALA E 51 -5.20 -23.49 3.34
C ALA E 51 -5.62 -24.06 4.67
N LYS E 52 -6.92 -24.33 4.81
CA LYS E 52 -7.43 -24.91 6.04
C LYS E 52 -7.17 -26.40 5.91
N GLY E 53 -6.34 -26.94 6.80
CA GLY E 53 -6.02 -28.36 6.76
C GLY E 53 -5.15 -28.69 5.56
N LYS E 54 -4.86 -29.98 5.38
CA LYS E 54 -4.05 -30.44 4.26
C LYS E 54 -3.75 -31.93 4.38
N SER F 2 7.52 -10.21 31.04
CA SER F 2 7.14 -11.10 29.90
C SER F 2 8.35 -11.81 29.30
N SER F 3 8.09 -12.79 28.45
CA SER F 3 9.17 -13.52 27.81
C SER F 3 9.73 -12.66 26.69
N ASN F 4 10.93 -12.98 26.23
CA ASN F 4 11.52 -12.21 25.15
C ASN F 4 10.81 -12.54 23.85
N TYR F 5 10.98 -11.69 22.86
CA TYR F 5 10.42 -11.91 21.54
C TYR F 5 11.59 -11.81 20.59
N VAL F 6 11.47 -12.44 19.43
CA VAL F 6 12.54 -12.39 18.46
C VAL F 6 11.98 -11.93 17.14
N LEU F 7 12.53 -10.86 16.59
CA LEU F 7 12.10 -10.32 15.31
C LEU F 7 13.11 -10.71 14.24
N HIS F 8 12.62 -11.06 13.07
CA HIS F 8 13.48 -11.40 11.94
C HIS F 8 13.22 -10.30 10.93
N THR F 9 14.25 -9.55 10.57
CA THR F 9 14.08 -8.46 9.61
C THR F 9 14.14 -8.96 8.17
N ASN F 10 13.77 -8.10 7.22
CA ASN F 10 13.81 -8.49 5.83
C ASN F 10 15.21 -8.22 5.26
N ASP F 11 16.13 -7.80 6.13
CA ASP F 11 17.51 -7.54 5.70
C ASP F 11 18.48 -8.53 6.36
N GLY F 12 17.95 -9.67 6.81
CA GLY F 12 18.77 -10.70 7.41
C GLY F 12 19.16 -10.62 8.88
N ARG F 13 18.59 -9.70 9.63
CA ARG F 13 18.94 -9.57 11.05
C ARG F 13 17.94 -10.24 11.99
N THR F 14 18.43 -10.63 13.17
CA THR F 14 17.60 -11.22 14.20
C THR F 14 17.71 -10.26 15.37
N ILE F 15 16.57 -9.77 15.84
CA ILE F 15 16.55 -8.82 16.95
C ILE F 15 15.76 -9.33 18.16
N VAL F 16 16.31 -9.15 19.35
CA VAL F 16 15.64 -9.59 20.57
C VAL F 16 14.91 -8.40 21.21
N ALA F 17 13.67 -8.62 21.63
CA ALA F 17 12.87 -7.59 22.29
C ALA F 17 12.49 -8.12 23.67
N GLU F 18 12.43 -7.23 24.67
CA GLU F 18 12.11 -7.64 26.04
C GLU F 18 10.66 -8.06 26.18
N GLY F 19 9.80 -7.50 25.33
CA GLY F 19 8.39 -7.83 25.37
C GLY F 19 7.79 -7.83 23.98
N LYS F 20 6.50 -8.04 23.87
CA LYS F 20 5.83 -8.08 22.58
C LYS F 20 5.92 -6.75 21.81
N PRO F 21 6.48 -6.79 20.61
CA PRO F 21 6.58 -5.57 19.80
C PRO F 21 5.17 -5.25 19.30
N LYS F 22 4.86 -3.96 19.19
CA LYS F 22 3.54 -3.54 18.75
C LYS F 22 3.68 -2.25 17.94
N VAL F 23 2.72 -2.00 17.05
CA VAL F 23 2.75 -0.78 16.24
C VAL F 23 2.45 0.43 17.12
N ASP F 24 3.26 1.47 16.95
CA ASP F 24 3.09 2.71 17.69
C ASP F 24 2.16 3.52 16.80
N ASP F 25 0.92 3.70 17.23
CA ASP F 25 -0.08 4.43 16.47
C ASP F 25 0.36 5.86 16.09
N GLU F 26 1.30 6.42 16.85
CA GLU F 26 1.78 7.78 16.56
C GLU F 26 2.84 7.85 15.48
N THR F 27 3.47 6.72 15.18
CA THR F 27 4.52 6.68 14.16
C THR F 27 4.20 5.72 13.03
N GLY F 28 3.42 4.70 13.32
CA GLY F 28 3.09 3.73 12.30
C GLY F 28 4.14 2.63 12.22
N MSE F 29 5.19 2.73 13.05
CA MSE F 29 6.25 1.73 13.05
C MSE F 29 6.12 0.76 14.23
O MSE F 29 5.39 1.02 15.18
CB MSE F 29 7.62 2.42 13.11
CG MSE F 29 7.94 3.26 11.88
SE MSE F 29 9.61 4.22 12.08
CE MSE F 29 8.89 5.88 12.69
N ILE F 30 6.83 -0.36 14.15
CA ILE F 30 6.80 -1.36 15.20
C ILE F 30 7.74 -0.95 16.33
N SER F 31 7.18 -0.76 17.53
CA SER F 31 7.95 -0.35 18.69
C SER F 31 8.28 -1.50 19.64
N TYR F 32 9.49 -1.49 20.17
CA TYR F 32 9.93 -2.51 21.11
C TYR F 32 11.12 -2.01 21.93
N THR F 33 11.52 -2.82 22.91
CA THR F 33 12.66 -2.50 23.77
C THR F 33 13.69 -3.59 23.52
N ASP F 34 14.89 -3.20 23.09
CA ASP F 34 15.94 -4.17 22.82
C ASP F 34 16.55 -4.74 24.12
N ALA F 35 17.50 -5.66 23.96
CA ALA F 35 18.14 -6.31 25.10
C ALA F 35 18.87 -5.38 26.05
N TYR F 36 19.26 -4.21 25.57
CA TYR F 36 19.99 -3.23 26.38
C TYR F 36 19.03 -2.33 27.14
N GLY F 37 17.73 -2.53 26.90
CA GLY F 37 16.72 -1.72 27.57
C GLY F 37 16.44 -0.39 26.90
N GLN F 38 16.85 -0.26 25.65
CA GLN F 38 16.63 0.98 24.90
C GLN F 38 15.39 0.86 24.02
N GLN F 39 14.57 1.90 23.99
CA GLN F 39 13.35 1.89 23.18
C GLN F 39 13.72 2.07 21.71
N GLN F 40 13.27 1.14 20.87
CA GLN F 40 13.53 1.16 19.44
C GLN F 40 12.23 1.10 18.65
N GLN F 41 12.30 1.52 17.38
CA GLN F 41 11.16 1.42 16.49
C GLN F 41 11.70 1.02 15.13
N ILE F 42 10.97 0.15 14.44
CA ILE F 42 11.42 -0.33 13.14
C ILE F 42 10.30 -0.32 12.11
N ASN F 43 10.64 0.06 10.88
CA ASN F 43 9.67 0.11 9.80
C ASN F 43 9.04 -1.29 9.66
N ARG F 44 7.71 -1.36 9.68
CA ARG F 44 7.06 -2.66 9.58
C ARG F 44 7.38 -3.40 8.28
N ASP F 45 7.72 -2.66 7.22
CA ASP F 45 8.05 -3.33 5.97
C ASP F 45 9.38 -4.09 6.07
N ASN F 46 10.17 -3.82 7.11
CA ASN F 46 11.43 -4.54 7.27
C ASN F 46 11.30 -5.65 8.33
N VAL F 47 10.08 -5.88 8.80
CA VAL F 47 9.85 -6.95 9.77
C VAL F 47 9.14 -8.08 9.06
N LYS F 48 9.84 -9.20 8.94
CA LYS F 48 9.34 -10.37 8.25
C LYS F 48 8.55 -11.30 9.15
N GLU F 49 9.11 -11.59 10.32
CA GLU F 49 8.47 -12.49 11.27
C GLU F 49 8.79 -12.10 12.69
N MSE F 50 8.03 -12.70 13.60
CA MSE F 50 8.18 -12.45 15.02
C MSE F 50 7.81 -13.72 15.77
O MSE F 50 6.82 -14.38 15.44
CB MSE F 50 7.25 -11.32 15.39
CG MSE F 50 7.61 -10.57 16.63
SE MSE F 50 6.53 -8.99 16.60
CE MSE F 50 7.64 -7.87 15.50
N ALA F 51 8.58 -14.05 16.80
CA ALA F 51 8.29 -15.24 17.59
C ALA F 51 8.42 -14.95 19.09
N LYS F 52 7.49 -15.47 19.87
CA LYS F 52 7.51 -15.28 21.32
C LYS F 52 8.44 -16.32 21.91
N GLY F 53 9.36 -15.86 22.75
CA GLY F 53 10.33 -16.75 23.37
C GLY F 53 11.69 -16.58 22.75
N SER G 2 -13.61 27.92 -15.69
CA SER G 2 -12.77 26.71 -15.43
C SER G 2 -11.32 26.94 -15.81
N SER G 3 -10.50 25.91 -15.64
CA SER G 3 -9.09 26.00 -15.96
C SER G 3 -8.52 24.62 -16.25
N ASN G 4 -7.50 24.57 -17.11
CA ASN G 4 -6.89 23.30 -17.46
C ASN G 4 -5.83 22.85 -16.46
N TYR G 5 -5.53 21.56 -16.51
CA TYR G 5 -4.53 20.95 -15.65
C TYR G 5 -3.67 20.05 -16.51
N VAL G 6 -2.39 19.95 -16.19
CA VAL G 6 -1.51 19.09 -16.95
C VAL G 6 -1.02 17.98 -16.04
N LEU G 7 -1.16 16.73 -16.48
CA LEU G 7 -0.70 15.60 -15.69
C LEU G 7 0.58 15.03 -16.29
N HIS G 8 1.52 14.67 -15.43
CA HIS G 8 2.76 14.08 -15.88
C HIS G 8 2.76 12.64 -15.38
N THR G 9 2.76 11.69 -16.31
CA THR G 9 2.75 10.28 -15.98
C THR G 9 4.17 9.78 -15.75
N ASN G 10 4.30 8.57 -15.23
CA ASN G 10 5.63 8.01 -14.98
C ASN G 10 6.23 7.43 -16.25
N ASP G 11 5.46 7.43 -17.33
CA ASP G 11 5.93 6.91 -18.60
C ASP G 11 6.24 8.03 -19.59
N GLY G 12 6.82 9.10 -19.06
CA GLY G 12 7.19 10.25 -19.89
C GLY G 12 6.10 10.74 -20.82
N ARG G 13 4.99 11.18 -20.26
CA ARG G 13 3.87 11.68 -21.05
C ARG G 13 3.14 12.77 -20.27
N THR G 14 2.62 13.77 -20.99
CA THR G 14 1.88 14.86 -20.36
C THR G 14 0.50 14.94 -21.00
N ILE G 15 -0.53 14.85 -20.17
CA ILE G 15 -1.89 14.90 -20.67
C ILE G 15 -2.62 16.14 -20.18
N VAL G 16 -3.28 16.82 -21.11
CA VAL G 16 -4.03 18.03 -20.78
C VAL G 16 -5.43 17.64 -20.34
N ALA G 17 -5.85 18.19 -19.20
CA ALA G 17 -7.17 17.90 -18.67
C ALA G 17 -7.99 19.17 -18.56
N GLU G 18 -9.26 19.05 -18.90
CA GLU G 18 -10.18 20.17 -18.81
C GLU G 18 -10.85 20.02 -17.45
N GLY G 19 -10.36 20.77 -16.47
CA GLY G 19 -10.90 20.70 -15.14
C GLY G 19 -10.00 19.88 -14.23
N LYS G 20 -10.13 20.10 -12.92
CA LYS G 20 -9.31 19.40 -11.95
C LYS G 20 -9.59 17.90 -11.89
N PRO G 21 -8.58 17.07 -12.17
CA PRO G 21 -8.77 15.62 -12.12
C PRO G 21 -9.02 15.22 -10.67
N LYS G 22 -9.93 14.27 -10.46
CA LYS G 22 -10.24 13.82 -9.11
C LYS G 22 -10.47 12.31 -9.09
N VAL G 23 -10.24 11.70 -7.95
CA VAL G 23 -10.42 10.26 -7.79
C VAL G 23 -11.89 9.88 -7.94
N ASP G 24 -12.17 8.90 -8.79
CA ASP G 24 -13.54 8.42 -8.98
C ASP G 24 -13.67 7.32 -7.94
N ASP G 25 -14.42 7.56 -6.88
CA ASP G 25 -14.55 6.57 -5.81
C ASP G 25 -15.12 5.21 -6.23
N GLU G 26 -15.66 5.12 -7.44
CA GLU G 26 -16.19 3.86 -7.94
C GLU G 26 -15.08 3.02 -8.55
N THR G 27 -14.03 3.67 -9.04
CA THR G 27 -12.92 2.96 -9.65
C THR G 27 -11.61 3.01 -8.86
N GLY G 28 -11.45 4.05 -8.05
CA GLY G 28 -10.23 4.19 -7.29
C GLY G 28 -9.13 4.87 -8.10
N MSE G 29 -9.43 5.23 -9.34
CA MSE G 29 -8.46 5.88 -10.21
C MSE G 29 -8.74 7.37 -10.35
O MSE G 29 -9.79 7.85 -9.96
CB MSE G 29 -8.48 5.23 -11.60
CG MSE G 29 -8.01 3.78 -11.63
SE MSE G 29 -8.29 2.99 -13.38
CE MSE G 29 -6.63 3.43 -14.23
N ILE G 30 -7.78 8.11 -10.91
CA ILE G 30 -7.94 9.55 -11.10
C ILE G 30 -8.74 9.80 -12.37
N SER G 31 -9.88 10.47 -12.22
CA SER G 31 -10.77 10.76 -13.33
C SER G 31 -10.65 12.18 -13.86
N TYR G 32 -10.68 12.32 -15.19
CA TYR G 32 -10.59 13.63 -15.80
C TYR G 32 -11.14 13.62 -17.22
N THR G 33 -11.31 14.82 -17.78
CA THR G 33 -11.81 14.97 -19.14
C THR G 33 -10.65 15.54 -19.94
N ASP G 34 -10.27 14.85 -21.02
CA ASP G 34 -9.15 15.31 -21.84
C ASP G 34 -9.51 16.48 -22.75
N ALA G 35 -8.55 16.88 -23.58
CA ALA G 35 -8.74 17.99 -24.51
C ALA G 35 -9.85 17.71 -25.51
N TYR G 36 -9.97 16.44 -25.93
CA TYR G 36 -10.99 16.04 -26.87
C TYR G 36 -12.36 16.03 -26.19
N GLY G 37 -12.39 16.36 -24.91
CA GLY G 37 -13.64 16.36 -24.16
C GLY G 37 -14.13 14.97 -23.82
N GLN G 38 -13.23 13.99 -23.90
CA GLN G 38 -13.56 12.60 -23.62
C GLN G 38 -13.17 12.20 -22.20
N GLN G 39 -14.01 11.41 -21.55
CA GLN G 39 -13.76 10.96 -20.19
C GLN G 39 -12.60 9.97 -20.13
N GLN G 40 -11.65 10.25 -19.26
CA GLN G 40 -10.47 9.39 -19.10
C GLN G 40 -10.21 9.13 -17.62
N GLN G 41 -9.58 7.99 -17.34
CA GLN G 41 -9.23 7.63 -15.97
C GLN G 41 -7.84 7.02 -16.00
N ILE G 42 -7.04 7.34 -14.98
CA ILE G 42 -5.68 6.83 -14.92
C ILE G 42 -5.32 6.41 -13.49
N ASN G 43 -4.62 5.29 -13.36
CA ASN G 43 -4.20 4.77 -12.06
C ASN G 43 -3.35 5.83 -11.37
N ARG G 44 -3.65 6.13 -10.09
CA ARG G 44 -2.89 7.14 -9.37
C ARG G 44 -1.41 6.81 -9.34
N ASP G 45 -1.08 5.53 -9.31
CA ASP G 45 0.32 5.13 -9.29
C ASP G 45 1.06 5.50 -10.58
N ASN G 46 0.32 5.89 -11.62
CA ASN G 46 0.95 6.27 -12.88
C ASN G 46 1.06 7.79 -13.03
N VAL G 47 0.57 8.51 -12.02
CA VAL G 47 0.60 9.98 -12.06
C VAL G 47 1.72 10.49 -11.15
N LYS G 48 2.68 11.18 -11.74
CA LYS G 48 3.82 11.71 -11.00
C LYS G 48 3.51 13.07 -10.40
N GLU G 49 2.97 13.97 -11.22
CA GLU G 49 2.63 15.32 -10.78
C GLU G 49 1.50 15.89 -11.60
N MSE G 50 0.96 16.99 -11.10
CA MSE G 50 -0.14 17.66 -11.76
C MSE G 50 0.03 19.17 -11.56
O MSE G 50 0.51 19.60 -10.52
CB MSE G 50 -1.45 17.19 -11.14
CG MSE G 50 -2.70 17.55 -11.89
SE MSE G 50 -4.20 16.71 -11.01
CE MSE G 50 -3.89 14.90 -11.61
N ALA G 51 -0.37 19.96 -12.54
CA ALA G 51 -0.24 21.41 -12.43
C ALA G 51 -1.44 22.10 -13.02
N LYS G 52 -1.89 23.15 -12.35
CA LYS G 52 -3.03 23.93 -12.79
C LYS G 52 -2.55 25.03 -13.73
N GLY G 53 -3.02 24.99 -14.98
CA GLY G 53 -2.63 25.99 -15.95
C GLY G 53 -3.63 27.14 -15.99
#